data_9F0M
#
_entry.id   9F0M
#
_cell.length_a   76.390
_cell.length_b   85.420
_cell.length_c   89.310
_cell.angle_alpha   90.00
_cell.angle_beta   90.00
_cell.angle_gamma   90.00
#
_symmetry.space_group_name_H-M   'P 21 21 21'
#
loop_
_entity.id
_entity.type
_entity.pdbx_description
1 polymer cellulase
2 branched beta-D-glucopyranose-(1-4)-beta-D-glucopyranose-(1-4)-beta-D-glucopyranose-(1-4)-beta-D-glucopyranose-(1-4)-beta-D-glucopyranose
3 non-polymer GLYCEROL
4 non-polymer 'SULFATE ION'
5 water water
#
_entity_poly.entity_id   1
_entity_poly.type   'polypeptide(L)'
_entity_poly.pdbx_seq_one_letter_code
;MAKVFQWFGSNESGAEFGSQNLPGVEGKDYIWPDPNTIDTLISKGMNIFRVPFMMERLVPNSMTGSPDPNYLADLIATVN
AITQKGAYAVVDPHNYGRYYNSIISSPSDFQTFWKTVASQFASNPLVIFDTNNQYHDMDQTLVLNLNQAAIDGIRSAGAT
SQYIFVEGNSWTGAWTWTNVNDNMKSLTDPSDKIIYEMHQFLDSDGSGTSATCVSSTIGQERITSATQWLRANGKKGIIG
EFAGGANDVCETAITGMLDYMAQNTDVWTGAIWWAAGPWWGDYIFSMEPDNGIAYQQILPILTPYL
;
_entity_poly.pdbx_strand_id   A,B
#
# COMPACT_ATOMS: atom_id res chain seq x y z
N LYS A 3 28.84 -22.17 -1.01
CA LYS A 3 27.69 -21.43 -0.48
C LYS A 3 26.39 -22.03 -0.98
N VAL A 4 25.32 -21.84 -0.21
CA VAL A 4 24.02 -22.38 -0.62
C VAL A 4 23.45 -21.62 -1.81
N PHE A 5 23.55 -20.29 -1.80
CA PHE A 5 22.94 -19.44 -2.80
C PHE A 5 24.01 -18.75 -3.63
N GLN A 6 23.59 -18.29 -4.81
CA GLN A 6 24.47 -17.42 -5.60
C GLN A 6 24.84 -16.17 -4.80
N TRP A 7 23.86 -15.58 -4.11
CA TRP A 7 24.02 -14.32 -3.40
C TRP A 7 23.40 -14.42 -2.02
N PHE A 8 24.13 -13.96 -0.99
CA PHE A 8 23.52 -13.83 0.32
C PHE A 8 24.19 -12.68 1.04
N GLY A 9 23.41 -11.71 1.51
CA GLY A 9 24.04 -10.52 2.04
C GLY A 9 23.10 -9.58 2.76
N SER A 10 23.39 -8.28 2.70
CA SER A 10 22.65 -7.32 3.51
C SER A 10 22.49 -6.00 2.77
N ASN A 11 21.35 -5.35 3.01
CA ASN A 11 21.23 -3.94 2.69
C ASN A 11 22.16 -3.10 3.57
N GLU A 12 22.63 -1.99 3.00
CA GLU A 12 23.54 -1.06 3.67
C GLU A 12 22.88 0.30 3.56
N SER A 13 22.01 0.59 4.52
CA SER A 13 21.09 1.72 4.48
CA SER A 13 21.10 1.73 4.46
C SER A 13 21.70 2.94 5.17
N GLY A 14 21.25 4.12 4.73
CA GLY A 14 21.69 5.36 5.33
C GLY A 14 21.68 6.53 4.35
N ALA A 15 22.08 6.28 3.10
CA ALA A 15 22.17 7.39 2.16
C ALA A 15 20.81 7.91 1.74
N GLU A 16 19.75 7.14 2.00
CA GLU A 16 18.38 7.52 1.70
C GLU A 16 17.64 8.04 2.93
N PHE A 17 18.34 8.20 4.04
CA PHE A 17 17.69 8.63 5.29
C PHE A 17 17.26 10.09 5.20
N GLY A 18 16.34 10.47 6.09
CA GLY A 18 15.85 11.83 6.16
C GLY A 18 15.36 12.35 4.82
N SER A 19 14.52 11.56 4.15
CA SER A 19 14.15 11.84 2.76
C SER A 19 13.32 13.11 2.60
N GLN A 20 12.77 13.66 3.68
CA GLN A 20 12.00 14.89 3.56
C GLN A 20 12.89 16.11 3.42
N ASN A 21 14.20 15.94 3.59
CA ASN A 21 15.18 17.02 3.48
C ASN A 21 15.94 16.78 2.17
N LEU A 22 15.57 17.51 1.12
CA LEU A 22 16.21 17.46 -0.19
C LEU A 22 16.76 18.85 -0.54
N PRO A 23 18.05 18.96 -0.87
CA PRO A 23 19.07 17.89 -1.00
C PRO A 23 19.44 17.23 0.32
N GLY A 24 19.24 17.89 1.46
CA GLY A 24 19.72 17.38 2.72
C GLY A 24 21.23 17.54 2.82
N VAL A 25 21.76 17.22 3.99
CA VAL A 25 23.16 17.48 4.32
C VAL A 25 23.80 16.18 4.80
N GLU A 26 24.87 15.77 4.13
CA GLU A 26 25.58 14.57 4.54
C GLU A 26 26.12 14.73 5.96
N GLY A 27 25.93 13.70 6.77
CA GLY A 27 26.34 13.75 8.16
C GLY A 27 25.31 14.34 9.09
N LYS A 28 24.22 14.89 8.55
CA LYS A 28 23.12 15.41 9.34
CA LYS A 28 23.12 15.41 9.34
C LYS A 28 21.79 14.74 8.99
N ASP A 29 21.44 14.69 7.71
CA ASP A 29 20.21 14.04 7.29
C ASP A 29 20.42 12.61 6.81
N TYR A 30 21.60 12.30 6.30
CA TYR A 30 21.87 10.98 5.76
C TYR A 30 23.36 10.69 5.93
N ILE A 31 23.73 9.43 5.70
CA ILE A 31 25.12 9.01 5.83
C ILE A 31 25.35 7.80 4.93
N TRP A 32 26.59 7.60 4.49
CA TRP A 32 26.90 6.47 3.65
C TRP A 32 27.43 5.30 4.48
N PRO A 33 27.39 4.07 3.93
CA PRO A 33 27.82 2.90 4.70
C PRO A 33 29.28 2.98 5.09
N ASP A 34 29.62 2.25 6.16
CA ASP A 34 30.98 2.21 6.68
C ASP A 34 31.73 1.05 6.03
N PRO A 35 32.76 1.31 5.23
CA PRO A 35 33.49 0.19 4.61
C PRO A 35 34.09 -0.77 5.61
N ASN A 36 34.44 -0.32 6.82
CA ASN A 36 35.04 -1.23 7.78
CA ASN A 36 35.03 -1.25 7.77
C ASN A 36 34.02 -2.27 8.27
N THR A 37 32.75 -1.86 8.47
CA THR A 37 31.81 -2.87 8.92
C THR A 37 31.32 -3.72 7.76
N ILE A 38 31.31 -3.18 6.55
CA ILE A 38 31.10 -4.02 5.36
C ILE A 38 32.13 -5.12 5.30
N ASP A 39 33.41 -4.78 5.53
CA ASP A 39 34.48 -5.78 5.59
C ASP A 39 34.15 -6.88 6.58
N THR A 40 33.63 -6.52 7.76
CA THR A 40 33.29 -7.51 8.76
C THR A 40 32.21 -8.46 8.25
N LEU A 41 31.17 -7.91 7.63
CA LEU A 41 30.13 -8.77 7.08
C LEU A 41 30.67 -9.64 5.96
N ILE A 42 31.60 -9.10 5.15
CA ILE A 42 32.24 -9.91 4.12
C ILE A 42 33.01 -11.07 4.75
N SER A 43 33.69 -10.83 5.88
CA SER A 43 34.42 -11.90 6.54
C SER A 43 33.50 -12.96 7.12
N LYS A 44 32.25 -12.61 7.43
CA LYS A 44 31.27 -13.59 7.88
C LYS A 44 30.72 -14.44 6.75
N GLY A 45 31.00 -14.07 5.49
CA GLY A 45 30.56 -14.85 4.35
C GLY A 45 29.55 -14.18 3.44
N MET A 46 29.11 -12.96 3.73
CA MET A 46 28.18 -12.27 2.84
C MET A 46 28.89 -11.79 1.58
N ASN A 47 28.18 -11.83 0.44
CA ASN A 47 28.82 -11.50 -0.83
C ASN A 47 28.02 -10.54 -1.68
N ILE A 48 27.00 -9.90 -1.13
CA ILE A 48 26.20 -8.92 -1.85
C ILE A 48 25.76 -7.87 -0.86
N PHE A 49 25.85 -6.61 -1.27
CA PHE A 49 25.46 -5.49 -0.42
C PHE A 49 24.65 -4.52 -1.26
N ARG A 50 23.42 -4.24 -0.83
CA ARG A 50 22.52 -3.37 -1.56
C ARG A 50 22.54 -1.99 -0.94
N VAL A 51 22.75 -0.96 -1.75
CA VAL A 51 23.01 0.40 -1.27
C VAL A 51 21.87 1.32 -1.72
N PRO A 52 20.90 1.58 -0.83
CA PRO A 52 19.86 2.57 -1.17
C PRO A 52 20.44 3.97 -1.26
N PHE A 53 19.94 4.74 -2.22
CA PHE A 53 20.22 6.17 -2.31
C PHE A 53 19.00 6.85 -2.91
N MET A 54 18.96 8.18 -2.83
CA MET A 54 17.83 8.94 -3.37
CA MET A 54 17.84 8.97 -3.35
C MET A 54 18.16 9.47 -4.75
N MET A 55 17.24 9.24 -5.71
CA MET A 55 17.44 9.77 -7.06
C MET A 55 17.66 11.28 -7.03
N GLU A 56 16.89 11.99 -6.20
CA GLU A 56 16.94 13.45 -6.17
C GLU A 56 18.25 13.96 -5.63
N ARG A 57 18.92 13.17 -4.79
CA ARG A 57 20.24 13.55 -4.27
C ARG A 57 21.36 13.23 -5.25
N LEU A 58 21.21 12.15 -6.02
CA LEU A 58 22.22 11.82 -7.02
C LEU A 58 22.11 12.68 -8.27
N VAL A 59 20.89 12.95 -8.72
CA VAL A 59 20.65 13.75 -9.93
C VAL A 59 19.53 14.74 -9.62
N PRO A 60 19.86 15.92 -9.13
CA PRO A 60 18.83 16.83 -8.62
C PRO A 60 18.03 17.52 -9.73
N ASN A 61 16.83 17.98 -9.33
CA ASN A 61 15.98 18.87 -10.11
C ASN A 61 15.31 18.19 -11.29
N SER A 62 16.10 17.58 -12.17
CA SER A 62 15.58 16.82 -13.30
CA SER A 62 15.58 16.82 -13.30
C SER A 62 16.41 15.56 -13.46
N MET A 63 15.74 14.41 -13.61
CA MET A 63 16.47 13.15 -13.67
C MET A 63 17.26 13.00 -14.97
N THR A 64 17.05 13.88 -15.94
CA THR A 64 17.84 13.90 -17.16
C THR A 64 19.09 14.77 -17.04
N GLY A 65 19.33 15.39 -15.87
CA GLY A 65 20.43 16.32 -15.70
C GLY A 65 21.73 15.67 -15.26
N SER A 66 22.68 16.53 -14.86
CA SER A 66 23.97 15.98 -14.45
CA SER A 66 23.99 16.03 -14.44
C SER A 66 23.94 15.58 -12.97
N PRO A 67 24.78 14.63 -12.58
CA PRO A 67 24.82 14.22 -11.18
C PRO A 67 25.30 15.32 -10.24
N ASP A 68 24.94 15.17 -8.98
CA ASP A 68 25.53 15.99 -7.93
C ASP A 68 26.93 15.47 -7.62
N PRO A 69 27.98 16.26 -7.80
CA PRO A 69 29.34 15.73 -7.59
C PRO A 69 29.59 15.05 -6.24
N ASN A 70 29.19 15.65 -5.13
CA ASN A 70 29.55 15.10 -3.82
CA ASN A 70 29.54 15.10 -3.82
C ASN A 70 28.78 13.82 -3.53
N TYR A 71 27.46 13.81 -3.79
CA TYR A 71 26.69 12.59 -3.55
C TYR A 71 27.13 11.47 -4.46
N LEU A 72 27.39 11.77 -5.74
CA LEU A 72 27.91 10.74 -6.65
C LEU A 72 29.27 10.21 -6.19
N ALA A 73 30.17 11.10 -5.76
CA ALA A 73 31.49 10.65 -5.33
C ALA A 73 31.39 9.65 -4.18
N ASP A 74 30.42 9.85 -3.27
CA ASP A 74 30.27 8.94 -2.15
C ASP A 74 29.59 7.63 -2.55
N LEU A 75 28.67 7.68 -3.52
CA LEU A 75 28.14 6.43 -4.09
C LEU A 75 29.27 5.62 -4.73
N ILE A 76 30.10 6.29 -5.52
CA ILE A 76 31.25 5.64 -6.16
C ILE A 76 32.15 5.01 -5.10
N ALA A 77 32.48 5.77 -4.07
CA ALA A 77 33.38 5.24 -3.03
C ALA A 77 32.78 4.02 -2.36
N THR A 78 31.47 4.04 -2.11
CA THR A 78 30.82 2.90 -1.45
C THR A 78 30.83 1.67 -2.35
N VAL A 79 30.44 1.85 -3.61
CA VAL A 79 30.44 0.74 -4.57
C VAL A 79 31.84 0.14 -4.68
N ASN A 80 32.86 0.99 -4.81
CA ASN A 80 34.20 0.43 -4.97
CA ASN A 80 34.22 0.48 -4.96
C ASN A 80 34.66 -0.27 -3.71
N ALA A 81 34.28 0.24 -2.54
CA ALA A 81 34.67 -0.43 -1.29
C ALA A 81 34.13 -1.85 -1.24
N ILE A 82 32.94 -2.06 -1.80
CA ILE A 82 32.35 -3.40 -1.83
C ILE A 82 32.99 -4.26 -2.91
N THR A 83 33.09 -3.73 -4.13
CA THR A 83 33.50 -4.58 -5.24
C THR A 83 35.00 -4.85 -5.25
N GLN A 84 35.81 -3.93 -4.69
CA GLN A 84 37.25 -4.18 -4.66
CA GLN A 84 37.26 -4.15 -4.61
C GLN A 84 37.59 -5.44 -3.88
N LYS A 85 36.72 -5.88 -2.97
CA LYS A 85 36.92 -7.09 -2.19
CA LYS A 85 36.97 -7.10 -2.21
CA LYS A 85 36.95 -7.09 -2.21
C LYS A 85 36.42 -8.34 -2.90
N GLY A 86 35.68 -8.20 -4.00
CA GLY A 86 35.09 -9.33 -4.68
C GLY A 86 33.60 -9.52 -4.47
N ALA A 87 32.96 -8.71 -3.63
CA ALA A 87 31.52 -8.82 -3.41
C ALA A 87 30.75 -7.98 -4.44
N TYR A 88 29.45 -8.25 -4.52
CA TYR A 88 28.57 -7.50 -5.42
C TYR A 88 27.93 -6.31 -4.70
N ALA A 89 27.83 -5.19 -5.41
CA ALA A 89 27.21 -3.97 -4.88
C ALA A 89 25.97 -3.70 -5.71
N VAL A 90 24.80 -3.66 -5.06
CA VAL A 90 23.56 -3.33 -5.75
C VAL A 90 23.30 -1.83 -5.63
N VAL A 91 23.23 -1.15 -6.77
CA VAL A 91 22.96 0.29 -6.84
CA VAL A 91 22.95 0.28 -6.78
C VAL A 91 21.44 0.47 -6.85
N ASP A 92 20.87 0.96 -5.75
CA ASP A 92 19.41 0.97 -5.53
C ASP A 92 18.86 2.40 -5.41
N PRO A 93 18.30 2.98 -6.50
CA PRO A 93 17.57 4.24 -6.35
C PRO A 93 16.29 3.92 -5.58
N HIS A 94 16.31 4.31 -4.32
CA HIS A 94 15.33 3.85 -3.34
C HIS A 94 14.10 4.77 -3.39
N ASN A 95 13.43 4.76 -4.56
CA ASN A 95 12.52 5.87 -4.89
C ASN A 95 11.07 5.51 -5.14
N TYR A 96 10.66 4.25 -5.01
CA TYR A 96 9.22 3.93 -5.02
C TYR A 96 8.55 4.31 -6.34
N GLY A 97 9.29 4.34 -7.43
CA GLY A 97 8.73 4.76 -8.72
C GLY A 97 8.39 6.23 -8.81
N ARG A 98 8.96 7.06 -7.92
CA ARG A 98 8.60 8.47 -7.80
C ARG A 98 9.84 9.34 -7.75
N TYR A 99 9.69 10.57 -8.23
CA TYR A 99 10.78 11.53 -8.30
C TYR A 99 10.21 12.87 -7.90
N TYR A 100 10.77 13.48 -6.85
CA TYR A 100 10.14 14.64 -6.18
C TYR A 100 8.68 14.36 -5.84
N ASN A 101 8.43 13.12 -5.41
CA ASN A 101 7.16 12.66 -4.88
CA ASN A 101 7.15 12.67 -4.88
C ASN A 101 6.05 12.62 -5.93
N SER A 102 6.39 12.66 -7.21
CA SER A 102 5.46 12.44 -8.30
C SER A 102 5.84 11.15 -9.01
N ILE A 103 4.83 10.36 -9.40
CA ILE A 103 5.10 9.15 -10.17
C ILE A 103 5.91 9.47 -11.41
N ILE A 104 6.95 8.66 -11.65
CA ILE A 104 7.77 8.78 -12.85
C ILE A 104 6.96 8.30 -14.04
N SER A 105 6.42 9.21 -14.84
CA SER A 105 5.56 8.80 -15.94
C SER A 105 6.24 8.89 -17.30
N SER A 106 7.52 9.25 -17.34
CA SER A 106 8.29 9.34 -18.58
C SER A 106 9.32 8.22 -18.67
N PRO A 107 9.04 7.15 -19.40
CA PRO A 107 10.09 6.13 -19.62
C PRO A 107 11.34 6.71 -20.25
N SER A 108 11.18 7.67 -21.17
CA SER A 108 12.36 8.26 -21.80
CA SER A 108 12.37 8.25 -21.80
CA SER A 108 12.36 8.28 -21.80
C SER A 108 13.23 9.00 -20.77
N ASP A 109 12.59 9.76 -19.88
CA ASP A 109 13.38 10.45 -18.85
C ASP A 109 14.08 9.45 -17.94
N PHE A 110 13.40 8.36 -17.60
CA PHE A 110 13.97 7.33 -16.73
C PHE A 110 15.13 6.61 -17.41
N GLN A 111 15.02 6.40 -18.72
CA GLN A 111 16.10 5.78 -19.47
C GLN A 111 17.34 6.67 -19.48
N THR A 112 17.16 7.99 -19.61
CA THR A 112 18.30 8.89 -19.54
C THR A 112 18.97 8.88 -18.17
N PHE A 113 18.18 8.91 -17.10
CA PHE A 113 18.71 8.72 -15.76
C PHE A 113 19.57 7.47 -15.68
N TRP A 114 19.06 6.36 -16.23
CA TRP A 114 19.78 5.11 -16.07
C TRP A 114 21.01 5.02 -16.96
N LYS A 115 21.00 5.66 -18.12
CA LYS A 115 22.25 5.74 -18.89
C LYS A 115 23.28 6.55 -18.11
N THR A 116 22.85 7.64 -17.49
CA THR A 116 23.77 8.45 -16.69
C THR A 116 24.39 7.63 -15.55
N VAL A 117 23.57 6.86 -14.83
CA VAL A 117 24.07 6.07 -13.70
C VAL A 117 24.93 4.92 -14.18
N ALA A 118 24.44 4.17 -15.18
CA ALA A 118 25.19 3.01 -15.67
C ALA A 118 26.55 3.41 -16.22
N SER A 119 26.65 4.60 -16.82
CA SER A 119 27.93 5.07 -17.38
C SER A 119 29.01 5.16 -16.32
N GLN A 120 28.63 5.42 -15.06
CA GLN A 120 29.63 5.53 -13.99
C GLN A 120 30.19 4.18 -13.58
N PHE A 121 29.51 3.09 -13.92
CA PHE A 121 29.88 1.76 -13.43
C PHE A 121 29.99 0.73 -14.55
N ALA A 122 30.05 1.17 -15.81
CA ALA A 122 29.84 0.25 -16.94
C ALA A 122 30.92 -0.83 -17.02
N SER A 123 32.14 -0.56 -16.54
CA SER A 123 33.21 -1.54 -16.58
C SER A 123 33.25 -2.47 -15.38
N ASN A 124 32.37 -2.29 -14.40
CA ASN A 124 32.48 -3.05 -13.15
C ASN A 124 31.49 -4.21 -13.18
N PRO A 125 31.95 -5.45 -13.36
CA PRO A 125 31.01 -6.57 -13.47
C PRO A 125 30.40 -6.98 -12.15
N LEU A 126 30.87 -6.45 -11.03
CA LEU A 126 30.28 -6.78 -9.73
C LEU A 126 29.25 -5.76 -9.28
N VAL A 127 28.99 -4.72 -10.08
CA VAL A 127 27.84 -3.85 -9.82
C VAL A 127 26.58 -4.51 -10.33
N ILE A 128 25.50 -4.40 -9.56
CA ILE A 128 24.17 -4.84 -9.95
C ILE A 128 23.28 -3.62 -9.96
N PHE A 129 22.55 -3.41 -11.04
CA PHE A 129 21.69 -2.24 -11.16
C PHE A 129 20.27 -2.64 -10.76
N ASP A 130 19.65 -1.87 -9.87
CA ASP A 130 18.32 -2.16 -9.34
C ASP A 130 17.41 -1.03 -9.85
N THR A 131 16.40 -1.36 -10.67
CA THR A 131 15.77 -0.28 -11.44
C THR A 131 15.11 0.77 -10.54
N ASN A 132 14.44 0.33 -9.46
CA ASN A 132 13.87 1.23 -8.47
C ASN A 132 13.32 0.39 -7.34
N ASN A 133 13.41 0.90 -6.12
CA ASN A 133 12.90 0.21 -4.93
C ASN A 133 11.38 0.33 -4.83
N GLN A 134 10.71 -0.81 -4.79
CA GLN A 134 9.30 -0.93 -4.34
C GLN A 134 8.36 0.04 -5.06
N TYR A 135 8.22 -0.15 -6.38
CA TYR A 135 7.09 0.45 -7.09
C TYR A 135 5.79 0.11 -6.36
N HIS A 136 4.87 1.07 -6.30
CA HIS A 136 3.60 0.82 -5.62
C HIS A 136 2.58 1.87 -6.03
N ASP A 137 1.30 1.50 -5.90
CA ASP A 137 0.17 2.41 -6.15
C ASP A 137 0.39 3.24 -7.41
N MET A 138 0.65 2.54 -8.51
CA MET A 138 0.83 3.19 -9.81
C MET A 138 0.42 2.21 -10.90
N ASP A 139 0.35 2.71 -12.13
CA ASP A 139 -0.16 1.94 -13.26
C ASP A 139 0.72 0.72 -13.55
N GLN A 140 0.08 -0.44 -13.75
CA GLN A 140 0.84 -1.69 -13.89
C GLN A 140 1.63 -1.73 -15.20
N THR A 141 1.08 -1.17 -16.29
CA THR A 141 1.82 -1.11 -17.54
C THR A 141 2.99 -0.14 -17.42
N LEU A 142 2.80 0.97 -16.70
CA LEU A 142 3.89 1.91 -16.48
C LEU A 142 5.05 1.24 -15.75
N VAL A 143 4.76 0.40 -14.74
CA VAL A 143 5.83 -0.28 -14.00
C VAL A 143 6.64 -1.17 -14.95
N LEU A 144 5.96 -1.92 -15.81
CA LEU A 144 6.65 -2.71 -16.83
C LEU A 144 7.54 -1.82 -17.69
N ASN A 145 6.96 -0.72 -18.21
CA ASN A 145 7.70 0.11 -19.15
C ASN A 145 8.87 0.83 -18.49
N LEU A 146 8.74 1.19 -17.20
CA LEU A 146 9.87 1.80 -16.50
C LEU A 146 11.01 0.82 -16.32
N ASN A 147 10.70 -0.43 -15.95
CA ASN A 147 11.75 -1.44 -15.85
C ASN A 147 12.42 -1.64 -17.20
N GLN A 148 11.64 -1.69 -18.29
CA GLN A 148 12.25 -1.89 -19.61
C GLN A 148 13.11 -0.70 -20.00
N ALA A 149 12.66 0.52 -19.69
CA ALA A 149 13.43 1.71 -20.03
C ALA A 149 14.76 1.73 -19.27
N ALA A 150 14.75 1.28 -18.02
CA ALA A 150 15.97 1.19 -17.24
C ALA A 150 16.94 0.22 -17.89
N ILE A 151 16.46 -0.96 -18.26
CA ILE A 151 17.31 -1.95 -18.93
C ILE A 151 17.91 -1.36 -20.20
N ASP A 152 17.07 -0.70 -21.00
CA ASP A 152 17.55 -0.14 -22.26
C ASP A 152 18.63 0.92 -21.99
N GLY A 153 18.41 1.76 -20.99
CA GLY A 153 19.40 2.80 -20.69
C GLY A 153 20.71 2.22 -20.20
N ILE A 154 20.64 1.23 -19.31
CA ILE A 154 21.83 0.57 -18.77
C ILE A 154 22.65 -0.09 -19.89
N ARG A 155 22.00 -0.89 -20.73
CA ARG A 155 22.74 -1.56 -21.78
C ARG A 155 23.25 -0.57 -22.82
N SER A 156 22.53 0.53 -23.04
CA SER A 156 23.00 1.53 -24.01
C SER A 156 24.30 2.18 -23.57
N ALA A 157 24.56 2.22 -22.27
CA ALA A 157 25.81 2.79 -21.74
C ALA A 157 27.00 1.86 -21.89
N GLY A 158 26.80 0.66 -22.45
CA GLY A 158 27.84 -0.34 -22.51
C GLY A 158 28.00 -1.15 -21.24
N ALA A 159 27.08 -1.01 -20.30
CA ALA A 159 27.11 -1.79 -19.07
C ALA A 159 26.37 -3.08 -19.37
N THR A 160 27.09 -4.06 -19.92
CA THR A 160 26.49 -5.28 -20.46
C THR A 160 26.80 -6.53 -19.64
N SER A 161 27.78 -6.47 -18.74
CA SER A 161 28.17 -7.63 -17.94
C SER A 161 27.33 -7.78 -16.67
N GLN A 162 26.63 -6.73 -16.27
CA GLN A 162 26.02 -6.65 -14.96
C GLN A 162 24.62 -7.26 -14.94
N TYR A 163 24.29 -7.90 -13.82
CA TYR A 163 22.90 -8.25 -13.57
C TYR A 163 22.06 -7.00 -13.37
N ILE A 164 20.79 -7.09 -13.75
CA ILE A 164 19.81 -6.04 -13.50
C ILE A 164 18.71 -6.62 -12.63
N PHE A 165 18.52 -6.04 -11.44
CA PHE A 165 17.40 -6.40 -10.57
C PHE A 165 16.19 -5.56 -10.98
N VAL A 166 15.12 -6.21 -11.46
CA VAL A 166 13.88 -5.52 -11.78
C VAL A 166 12.96 -5.69 -10.58
N GLU A 167 12.08 -4.69 -10.36
CA GLU A 167 11.15 -4.75 -9.24
C GLU A 167 9.73 -4.52 -9.73
N GLY A 168 8.77 -5.12 -9.04
CA GLY A 168 7.38 -5.07 -9.43
C GLY A 168 6.58 -4.13 -8.55
N ASN A 169 5.29 -4.07 -8.86
CA ASN A 169 4.29 -3.28 -8.13
C ASN A 169 3.95 -3.96 -6.81
N SER A 170 3.03 -3.36 -6.03
CA SER A 170 2.71 -3.84 -4.69
C SER A 170 3.97 -3.96 -3.82
N TRP A 171 4.81 -2.92 -3.90
CA TRP A 171 6.01 -2.83 -3.07
C TRP A 171 6.91 -4.05 -3.31
N THR A 172 6.92 -4.52 -4.56
CA THR A 172 7.59 -5.73 -5.06
C THR A 172 7.47 -6.93 -4.10
N GLY A 173 6.34 -7.02 -3.40
CA GLY A 173 6.17 -8.11 -2.44
C GLY A 173 6.09 -9.45 -3.13
N ALA A 174 6.74 -10.46 -2.53
CA ALA A 174 6.63 -11.80 -3.09
C ALA A 174 5.22 -12.33 -2.93
N TRP A 175 4.64 -12.12 -1.75
CA TRP A 175 3.33 -12.71 -1.46
C TRP A 175 2.23 -12.15 -2.33
N THR A 176 2.41 -10.96 -2.90
CA THR A 176 1.41 -10.35 -3.77
C THR A 176 1.77 -10.47 -5.25
N TRP A 177 2.91 -11.11 -5.56
CA TRP A 177 3.46 -11.00 -6.90
C TRP A 177 2.49 -11.51 -7.97
N THR A 178 2.00 -12.75 -7.83
CA THR A 178 1.16 -13.29 -8.89
C THR A 178 -0.16 -12.55 -9.01
N ASN A 179 -0.61 -11.87 -7.96
CA ASN A 179 -1.88 -11.17 -8.04
C ASN A 179 -1.81 -9.94 -8.93
N VAL A 180 -0.64 -9.30 -9.07
CA VAL A 180 -0.59 -8.04 -9.81
C VAL A 180 0.52 -7.96 -10.86
N ASN A 181 1.60 -8.76 -10.79
CA ASN A 181 2.83 -8.47 -11.55
C ASN A 181 3.07 -9.43 -12.72
N ASP A 182 2.04 -10.16 -13.18
CA ASP A 182 2.28 -11.14 -14.23
C ASP A 182 2.87 -10.48 -15.48
N ASN A 183 2.49 -9.23 -15.79
CA ASN A 183 2.97 -8.62 -17.03
C ASN A 183 4.49 -8.41 -17.03
N MET A 184 5.14 -8.50 -15.87
CA MET A 184 6.58 -8.34 -15.78
C MET A 184 7.34 -9.45 -16.49
N LYS A 185 6.66 -10.55 -16.84
CA LYS A 185 7.31 -11.63 -17.55
C LYS A 185 7.85 -11.23 -18.92
N SER A 186 7.37 -10.12 -19.50
CA SER A 186 7.73 -9.79 -20.88
CA SER A 186 7.70 -9.75 -20.87
C SER A 186 8.98 -8.94 -20.99
N LEU A 187 9.60 -8.57 -19.87
CA LEU A 187 10.83 -7.80 -19.93
C LEU A 187 11.89 -8.53 -20.74
N THR A 188 12.67 -7.76 -21.51
CA THR A 188 13.73 -8.29 -22.35
C THR A 188 15.05 -7.61 -22.04
N ASP A 189 16.15 -8.37 -22.16
CA ASP A 189 17.50 -7.88 -21.88
C ASP A 189 18.45 -8.56 -22.85
N PRO A 190 19.16 -7.82 -23.70
CA PRO A 190 20.11 -8.47 -24.63
C PRO A 190 21.21 -9.25 -23.91
N SER A 191 21.53 -8.91 -22.67
CA SER A 191 22.51 -9.67 -21.89
C SER A 191 21.91 -10.88 -21.18
N ASP A 192 20.59 -11.05 -21.21
CA ASP A 192 19.90 -12.15 -20.50
C ASP A 192 20.34 -12.25 -19.03
N LYS A 193 20.33 -11.10 -18.34
CA LYS A 193 20.73 -11.10 -16.93
C LYS A 193 19.72 -10.36 -16.05
N ILE A 194 18.43 -10.52 -16.36
CA ILE A 194 17.37 -9.99 -15.50
C ILE A 194 17.18 -10.93 -14.32
N ILE A 195 17.14 -10.37 -13.12
CA ILE A 195 16.72 -11.07 -11.91
C ILE A 195 15.51 -10.35 -11.36
N TYR A 196 14.46 -11.10 -11.02
CA TYR A 196 13.24 -10.51 -10.46
C TYR A 196 13.42 -10.35 -8.95
N GLU A 197 13.54 -9.12 -8.50
CA GLU A 197 13.78 -8.87 -7.09
C GLU A 197 12.45 -8.68 -6.38
N MET A 198 12.17 -9.53 -5.42
CA MET A 198 10.98 -9.44 -4.59
C MET A 198 11.38 -9.22 -3.13
N HIS A 199 10.47 -8.64 -2.34
CA HIS A 199 10.72 -8.42 -0.93
C HIS A 199 9.71 -9.22 -0.11
N GLN A 200 10.11 -9.66 1.07
CA GLN A 200 9.15 -10.37 1.90
C GLN A 200 9.43 -10.12 3.37
N PHE A 201 8.49 -9.46 4.03
CA PHE A 201 8.52 -9.33 5.46
C PHE A 201 7.47 -10.24 6.06
N LEU A 202 7.55 -10.39 7.38
CA LEU A 202 6.95 -11.51 8.10
C LEU A 202 5.96 -11.07 9.14
N ASP A 203 5.73 -9.76 9.30
CA ASP A 203 4.67 -9.30 10.21
C ASP A 203 3.33 -9.33 9.48
N SER A 204 2.25 -9.10 10.24
CA SER A 204 0.92 -9.42 9.75
C SER A 204 0.62 -8.72 8.42
N ASP A 205 0.93 -7.43 8.29
CA ASP A 205 0.62 -6.73 7.04
C ASP A 205 1.78 -6.70 6.05
N GLY A 206 2.88 -7.40 6.33
CA GLY A 206 4.00 -7.46 5.42
C GLY A 206 4.76 -6.16 5.27
N SER A 207 4.52 -5.18 6.12
CA SER A 207 5.19 -3.88 6.04
C SER A 207 6.60 -3.90 6.61
N GLY A 208 6.96 -4.93 7.37
CA GLY A 208 8.30 -4.95 7.94
C GLY A 208 8.52 -3.85 8.97
N THR A 209 7.51 -3.54 9.77
CA THR A 209 7.67 -2.53 10.81
C THR A 209 7.56 -3.10 12.22
N SER A 210 7.09 -4.33 12.37
CA SER A 210 6.94 -4.99 13.66
C SER A 210 7.94 -6.14 13.80
N ALA A 211 8.49 -6.28 15.01
CA ALA A 211 9.38 -7.40 15.29
C ALA A 211 8.63 -8.73 15.43
N THR A 212 7.31 -8.70 15.45
CA THR A 212 6.53 -9.92 15.63
C THR A 212 6.26 -10.58 14.28
N CYS A 213 6.47 -11.88 14.19
CA CYS A 213 6.13 -12.62 12.98
C CYS A 213 4.80 -13.33 13.17
N VAL A 214 4.05 -13.48 12.06
CA VAL A 214 2.71 -14.07 12.13
C VAL A 214 2.78 -15.48 12.71
N SER A 215 3.71 -16.30 12.23
CA SER A 215 3.81 -17.68 12.65
C SER A 215 5.20 -18.20 12.28
N SER A 216 5.51 -19.40 12.75
CA SER A 216 6.83 -19.96 12.44
C SER A 216 6.96 -20.38 10.99
N THR A 217 5.88 -20.36 10.21
CA THR A 217 5.94 -20.78 8.80
C THR A 217 5.60 -19.66 7.82
N ILE A 218 5.44 -18.42 8.29
CA ILE A 218 4.81 -17.41 7.44
C ILE A 218 5.69 -17.02 6.25
N GLY A 219 7.01 -17.10 6.41
CA GLY A 219 7.89 -16.73 5.30
C GLY A 219 7.84 -17.73 4.17
N GLN A 220 7.98 -19.01 4.51
CA GLN A 220 7.93 -20.03 3.48
C GLN A 220 6.56 -20.05 2.82
N GLU A 221 5.49 -19.81 3.59
CA GLU A 221 4.17 -19.69 2.99
C GLU A 221 4.09 -18.53 2.00
N ARG A 222 4.69 -17.40 2.33
CA ARG A 222 4.47 -16.19 1.54
C ARG A 222 5.28 -16.16 0.25
N ILE A 223 6.18 -17.11 0.03
CA ILE A 223 6.94 -17.12 -1.22
C ILE A 223 6.62 -18.31 -2.10
N THR A 224 5.64 -19.17 -1.77
CA THR A 224 5.45 -20.35 -2.59
CA THR A 224 5.43 -20.35 -2.59
C THR A 224 4.86 -19.98 -3.96
N SER A 225 3.85 -19.10 -4.02
CA SER A 225 3.28 -18.82 -5.34
C SER A 225 4.25 -18.03 -6.21
N ALA A 226 5.07 -17.17 -5.60
CA ALA A 226 6.10 -16.47 -6.38
C ALA A 226 7.12 -17.46 -6.94
N THR A 227 7.48 -18.47 -6.15
CA THR A 227 8.40 -19.50 -6.65
C THR A 227 7.84 -20.19 -7.88
N GLN A 228 6.56 -20.59 -7.84
CA GLN A 228 5.92 -21.25 -8.97
CA GLN A 228 6.01 -21.28 -8.99
C GLN A 228 5.87 -20.33 -10.19
N TRP A 229 5.63 -19.04 -9.94
CA TRP A 229 5.57 -18.07 -11.03
C TRP A 229 6.90 -17.95 -11.73
N LEU A 230 7.98 -17.80 -10.96
CA LEU A 230 9.31 -17.77 -11.57
C LEU A 230 9.57 -19.03 -12.38
N ARG A 231 9.23 -20.21 -11.84
CA ARG A 231 9.53 -21.45 -12.56
C ARG A 231 8.67 -21.58 -13.82
N ALA A 232 7.38 -21.26 -13.72
CA ALA A 232 6.50 -21.41 -14.87
C ALA A 232 6.91 -20.51 -16.02
N ASN A 233 7.53 -19.37 -15.71
CA ASN A 233 7.89 -18.39 -16.72
C ASN A 233 9.36 -18.40 -17.06
N GLY A 234 10.13 -19.37 -16.56
CA GLY A 234 11.53 -19.49 -16.88
C GLY A 234 12.40 -18.35 -16.37
N LYS A 235 12.05 -17.76 -15.22
CA LYS A 235 12.72 -16.59 -14.69
C LYS A 235 13.53 -16.94 -13.45
N LYS A 236 14.43 -16.02 -13.07
CA LYS A 236 15.19 -16.13 -11.84
CA LYS A 236 15.21 -16.12 -11.85
C LYS A 236 14.79 -14.99 -10.90
N GLY A 237 14.85 -15.25 -9.59
CA GLY A 237 14.48 -14.25 -8.62
C GLY A 237 15.52 -14.09 -7.51
N ILE A 238 15.36 -13.00 -6.73
CA ILE A 238 16.11 -12.82 -5.50
C ILE A 238 15.19 -12.15 -4.49
N ILE A 239 15.38 -12.47 -3.22
CA ILE A 239 14.70 -11.73 -2.15
C ILE A 239 15.61 -10.57 -1.79
N GLY A 240 15.24 -9.35 -2.21
CA GLY A 240 16.12 -8.21 -2.01
C GLY A 240 16.00 -7.54 -0.65
N GLU A 241 14.94 -7.84 0.09
CA GLU A 241 14.73 -7.35 1.44
C GLU A 241 13.94 -8.40 2.19
N PHE A 242 14.41 -8.79 3.39
CA PHE A 242 13.64 -9.61 4.33
C PHE A 242 14.18 -9.35 5.72
N ALA A 243 13.32 -9.57 6.72
CA ALA A 243 13.74 -9.41 8.11
C ALA A 243 12.70 -10.06 8.99
N GLY A 244 13.09 -10.27 10.25
CA GLY A 244 12.19 -10.67 11.32
C GLY A 244 12.83 -10.30 12.63
N GLY A 245 12.00 -10.18 13.67
CA GLY A 245 12.52 -9.80 14.97
C GLY A 245 13.38 -10.87 15.62
N ALA A 246 14.15 -10.45 16.62
CA ALA A 246 15.03 -11.34 17.37
C ALA A 246 14.21 -12.09 18.42
N ASN A 247 13.44 -13.07 17.95
CA ASN A 247 12.62 -13.89 18.83
C ASN A 247 12.42 -15.25 18.19
N ASP A 248 11.95 -16.20 19.00
CA ASP A 248 11.93 -17.60 18.59
C ASP A 248 11.05 -17.83 17.36
N VAL A 249 9.85 -17.27 17.35
CA VAL A 249 8.94 -17.50 16.22
C VAL A 249 9.54 -16.96 14.92
N CYS A 250 10.13 -15.76 14.98
CA CYS A 250 10.74 -15.18 13.78
C CYS A 250 11.97 -15.96 13.35
N GLU A 251 12.78 -16.41 14.31
CA GLU A 251 13.94 -17.23 13.97
C GLU A 251 13.52 -18.43 13.13
N THR A 252 12.50 -19.14 13.59
CA THR A 252 12.02 -20.31 12.87
C THR A 252 11.41 -19.92 11.53
N ALA A 253 10.72 -18.78 11.44
CA ALA A 253 10.16 -18.36 10.17
C ALA A 253 11.26 -18.03 9.17
N ILE A 254 12.33 -17.38 9.64
CA ILE A 254 13.46 -17.04 8.76
C ILE A 254 14.11 -18.31 8.22
N THR A 255 14.46 -19.25 9.10
CA THR A 255 15.14 -20.43 8.59
CA THR A 255 15.11 -20.48 8.67
C THR A 255 14.21 -21.29 7.74
N GLY A 256 12.92 -21.35 8.05
CA GLY A 256 12.03 -22.12 7.19
C GLY A 256 11.92 -21.54 5.80
N MET A 257 11.91 -20.21 5.70
CA MET A 257 11.86 -19.57 4.40
C MET A 257 13.14 -19.83 3.62
N LEU A 258 14.29 -19.65 4.27
CA LEU A 258 15.55 -19.85 3.55
C LEU A 258 15.77 -21.32 3.20
N ASP A 259 15.32 -22.23 4.07
CA ASP A 259 15.41 -23.67 3.75
C ASP A 259 14.57 -23.99 2.52
N TYR A 260 13.39 -23.40 2.39
CA TYR A 260 12.58 -23.60 1.20
C TYR A 260 13.27 -23.03 -0.04
N MET A 261 13.78 -21.80 0.05
CA MET A 261 14.51 -21.26 -1.09
C MET A 261 15.67 -22.16 -1.46
N ALA A 262 16.34 -22.74 -0.47
CA ALA A 262 17.50 -23.59 -0.77
C ALA A 262 17.12 -24.86 -1.53
N GLN A 263 15.88 -25.32 -1.43
CA GLN A 263 15.44 -26.44 -2.26
C GLN A 263 14.80 -25.98 -3.55
N ASN A 264 14.93 -24.70 -3.88
CA ASN A 264 14.32 -24.17 -5.09
C ASN A 264 15.29 -23.21 -5.76
N THR A 265 16.57 -23.58 -5.81
CA THR A 265 17.57 -22.69 -6.39
C THR A 265 17.55 -22.70 -7.91
N ASP A 266 16.73 -23.52 -8.55
CA ASP A 266 16.53 -23.35 -9.98
C ASP A 266 15.94 -21.98 -10.28
N VAL A 267 15.23 -21.37 -9.32
CA VAL A 267 14.70 -20.03 -9.52
C VAL A 267 15.24 -19.02 -8.51
N TRP A 268 15.58 -19.43 -7.29
CA TRP A 268 16.04 -18.46 -6.28
C TRP A 268 17.56 -18.33 -6.27
N THR A 269 18.04 -17.12 -6.55
CA THR A 269 19.46 -16.81 -6.52
C THR A 269 19.96 -16.40 -5.15
N GLY A 270 19.07 -16.16 -4.17
CA GLY A 270 19.52 -15.82 -2.83
C GLY A 270 18.67 -14.74 -2.19
N ALA A 271 19.25 -14.06 -1.20
CA ALA A 271 18.48 -13.25 -0.28
C ALA A 271 19.36 -12.17 0.35
N ILE A 272 18.73 -11.04 0.66
CA ILE A 272 19.42 -9.86 1.18
C ILE A 272 18.66 -9.34 2.39
N TRP A 273 19.31 -9.31 3.56
CA TRP A 273 18.67 -8.89 4.80
C TRP A 273 18.43 -7.38 4.81
N TRP A 274 17.33 -6.96 5.42
CA TRP A 274 17.09 -5.54 5.70
C TRP A 274 17.18 -5.34 7.22
N ALA A 275 18.18 -4.61 7.72
CA ALA A 275 19.25 -3.93 6.99
C ALA A 275 20.44 -3.68 7.93
N ALA A 276 21.62 -3.46 7.35
CA ALA A 276 22.74 -2.88 8.08
C ALA A 276 22.86 -1.40 7.71
N GLY A 277 23.94 -0.76 8.19
CA GLY A 277 24.13 0.66 8.00
C GLY A 277 24.50 1.31 9.33
N PRO A 278 25.14 2.47 9.29
CA PRO A 278 25.75 3.02 10.51
C PRO A 278 24.85 3.85 11.40
N TRP A 279 23.62 4.16 10.99
CA TRP A 279 22.75 5.04 11.77
C TRP A 279 21.48 4.34 12.25
N TRP A 280 21.52 3.02 12.42
CA TRP A 280 20.33 2.30 12.85
C TRP A 280 20.17 2.22 14.37
N GLY A 281 21.25 2.35 15.13
CA GLY A 281 21.13 2.30 16.58
C GLY A 281 20.43 1.03 17.02
N ASP A 282 19.39 1.17 17.83
CA ASP A 282 18.68 0.04 18.42
C ASP A 282 17.56 -0.51 17.52
N TYR A 283 17.59 -0.21 16.22
CA TYR A 283 16.62 -0.73 15.27
C TYR A 283 16.44 -2.23 15.41
N ILE A 284 15.18 -2.67 15.39
CA ILE A 284 14.86 -4.08 15.62
C ILE A 284 15.48 -5.02 14.60
N PHE A 285 15.85 -4.54 13.41
CA PHE A 285 16.42 -5.39 12.37
C PHE A 285 17.89 -5.08 12.06
N SER A 286 18.58 -4.33 12.92
CA SER A 286 19.91 -3.84 12.53
C SER A 286 20.93 -4.97 12.44
N MET A 287 21.48 -5.15 11.24
CA MET A 287 22.55 -6.10 10.97
C MET A 287 23.93 -5.45 11.05
N GLU A 288 24.02 -4.24 11.60
CA GLU A 288 25.31 -3.53 11.61
C GLU A 288 26.23 -4.08 12.68
N PRO A 289 27.43 -4.54 12.33
CA PRO A 289 28.42 -4.89 13.36
C PRO A 289 28.79 -3.65 14.16
N ASP A 290 29.13 -3.84 15.44
CA ASP A 290 29.17 -5.14 16.10
C ASP A 290 27.98 -5.36 17.03
N ASN A 291 27.11 -4.35 17.16
CA ASN A 291 26.11 -4.34 18.21
C ASN A 291 24.67 -4.24 17.72
N GLY A 292 24.42 -4.28 16.41
CA GLY A 292 23.05 -4.35 15.94
C GLY A 292 22.36 -5.61 16.43
N ILE A 293 21.05 -5.49 16.71
CA ILE A 293 20.32 -6.59 17.33
C ILE A 293 20.29 -7.81 16.41
N ALA A 294 20.11 -7.60 15.11
CA ALA A 294 20.11 -8.72 14.19
C ALA A 294 21.52 -9.25 13.99
N TYR A 295 22.53 -8.37 14.01
CA TYR A 295 23.91 -8.84 13.93
C TYR A 295 24.24 -9.80 15.08
N GLN A 296 23.78 -9.45 16.29
CA GLN A 296 24.07 -10.27 17.46
C GLN A 296 23.21 -11.53 17.52
N GLN A 297 21.90 -11.40 17.24
CA GLN A 297 20.95 -12.46 17.56
C GLN A 297 20.43 -13.21 16.36
N ILE A 298 20.43 -12.63 15.15
CA ILE A 298 19.95 -13.32 13.97
C ILE A 298 21.10 -13.92 13.16
N LEU A 299 22.20 -13.19 13.01
CA LEU A 299 23.28 -13.71 12.17
C LEU A 299 23.74 -15.12 12.55
N PRO A 300 23.76 -15.53 13.83
CA PRO A 300 24.12 -16.93 14.12
C PRO A 300 23.21 -17.96 13.44
N ILE A 301 21.94 -17.65 13.19
CA ILE A 301 21.08 -18.64 12.53
C ILE A 301 21.21 -18.59 11.01
N LEU A 302 21.90 -17.57 10.46
CA LEU A 302 22.14 -17.49 9.03
C LEU A 302 23.42 -18.21 8.61
N THR A 303 24.23 -18.64 9.58
CA THR A 303 25.48 -19.38 9.34
C THR A 303 25.37 -20.45 8.26
N PRO A 304 24.38 -21.35 8.25
CA PRO A 304 24.37 -22.40 7.22
C PRO A 304 24.22 -21.88 5.80
N TYR A 305 23.85 -20.63 5.61
CA TYR A 305 23.69 -20.07 4.27
C TYR A 305 24.87 -19.19 3.88
N LEU A 306 25.94 -19.19 4.66
CA LEU A 306 27.06 -18.30 4.38
C LEU A 306 28.28 -19.08 3.89
N ALA B 2 -28.74 25.22 3.47
CA ALA B 2 -28.00 25.42 4.70
C ALA B 2 -26.76 24.52 4.72
N LYS B 3 -26.94 23.23 4.48
CA LYS B 3 -25.81 22.31 4.40
CA LYS B 3 -25.80 22.33 4.41
C LYS B 3 -24.97 22.63 3.17
N VAL B 4 -23.66 22.43 3.30
CA VAL B 4 -22.75 22.70 2.19
C VAL B 4 -22.73 21.57 1.18
N PHE B 5 -22.76 20.32 1.65
CA PHE B 5 -22.63 19.17 0.78
C PHE B 5 -23.93 18.37 0.74
N GLN B 6 -24.04 17.52 -0.28
CA GLN B 6 -25.16 16.59 -0.35
C GLN B 6 -25.20 15.68 0.86
N TRP B 7 -24.02 15.18 1.27
CA TRP B 7 -23.90 14.20 2.34
C TRP B 7 -22.78 14.60 3.27
N PHE B 8 -22.99 14.46 4.56
CA PHE B 8 -21.91 14.67 5.52
C PHE B 8 -22.24 13.88 6.77
N GLY B 9 -21.32 13.01 7.18
CA GLY B 9 -21.69 12.14 8.28
C GLY B 9 -20.53 11.36 8.85
N SER B 10 -20.81 10.15 9.31
CA SER B 10 -19.81 9.41 10.05
C SER B 10 -19.94 7.93 9.78
N ASN B 11 -18.81 7.25 9.78
CA ASN B 11 -18.84 5.81 9.87
C ASN B 11 -19.34 5.38 11.25
N GLU B 12 -20.00 4.24 11.31
CA GLU B 12 -20.57 3.70 12.55
C GLU B 12 -20.04 2.28 12.65
N SER B 13 -18.86 2.14 13.25
CA SER B 13 -18.02 0.96 13.20
C SER B 13 -18.26 0.06 14.42
N GLY B 14 -18.16 -1.24 14.19
CA GLY B 14 -18.32 -2.19 15.28
C GLY B 14 -18.76 -3.59 14.84
N ALA B 15 -19.64 -3.66 13.84
CA ALA B 15 -20.13 -4.98 13.44
C ALA B 15 -19.05 -5.77 12.74
N GLU B 16 -17.96 -5.12 12.34
CA GLU B 16 -16.83 -5.77 11.70
C GLU B 16 -15.67 -5.99 12.67
N PHE B 17 -15.84 -5.67 13.95
CA PHE B 17 -14.77 -5.82 14.93
C PHE B 17 -14.43 -7.29 15.15
N GLY B 18 -13.24 -7.52 15.69
CA GLY B 18 -12.84 -8.88 16.04
C GLY B 18 -12.95 -9.86 14.89
N SER B 19 -12.53 -9.42 13.69
CA SER B 19 -12.74 -10.18 12.46
C SER B 19 -11.91 -11.44 12.37
N GLN B 20 -10.98 -11.66 13.30
CA GLN B 20 -10.27 -12.93 13.30
C GLN B 20 -11.16 -14.07 13.81
N ASN B 21 -12.31 -13.75 14.38
CA ASN B 21 -13.26 -14.75 14.86
C ASN B 21 -14.47 -14.73 13.95
N LEU B 22 -14.57 -15.73 13.08
CA LEU B 22 -15.73 -15.90 12.22
C LEU B 22 -16.40 -17.22 12.56
N PRO B 23 -17.72 -17.25 12.77
CA PRO B 23 -18.66 -16.11 12.72
C PRO B 23 -18.46 -15.14 13.86
N GLY B 24 -17.89 -15.57 14.98
CA GLY B 24 -17.80 -14.73 16.16
C GLY B 24 -19.16 -14.58 16.82
N VAL B 25 -19.17 -13.85 17.94
CA VAL B 25 -20.34 -13.77 18.79
C VAL B 25 -20.68 -12.30 19.05
N GLU B 26 -21.92 -11.91 18.72
CA GLU B 26 -22.36 -10.56 19.03
C GLU B 26 -22.26 -10.30 20.53
N GLY B 27 -21.82 -9.09 20.87
CA GLY B 27 -21.60 -8.71 22.26
C GLY B 27 -20.28 -9.15 22.82
N LYS B 28 -19.55 -10.02 22.12
CA LYS B 28 -18.23 -10.47 22.54
CA LYS B 28 -18.22 -10.46 22.54
CA LYS B 28 -18.22 -10.46 22.54
C LYS B 28 -17.17 -10.03 21.54
N ASP B 29 -17.26 -10.47 20.28
CA ASP B 29 -16.32 -10.09 19.26
C ASP B 29 -16.71 -8.81 18.52
N TYR B 30 -18.01 -8.52 18.42
CA TYR B 30 -18.46 -7.39 17.64
C TYR B 30 -19.74 -6.84 18.26
N ILE B 31 -20.13 -5.65 17.81
CA ILE B 31 -21.32 -4.97 18.32
C ILE B 31 -21.85 -4.06 17.23
N TRP B 32 -23.18 -3.86 17.22
CA TRP B 32 -23.77 -3.00 16.21
C TRP B 32 -23.88 -1.58 16.74
N PRO B 33 -24.03 -0.59 15.87
CA PRO B 33 -24.08 0.82 16.32
C PRO B 33 -25.24 1.09 17.26
N ASP B 34 -25.09 2.14 18.06
CA ASP B 34 -26.11 2.56 19.02
C ASP B 34 -27.05 3.55 18.35
N PRO B 35 -28.33 3.22 18.16
CA PRO B 35 -29.22 4.17 17.47
C PRO B 35 -29.37 5.47 18.23
N ASN B 36 -29.17 5.47 19.55
CA ASN B 36 -29.37 6.68 20.33
C ASN B 36 -28.26 7.68 20.09
N THR B 37 -27.02 7.20 19.96
CA THR B 37 -25.92 8.12 19.67
C THR B 37 -25.92 8.54 18.20
N ILE B 38 -26.40 7.68 17.29
CA ILE B 38 -26.64 8.14 15.93
C ILE B 38 -27.66 9.28 15.94
N ASP B 39 -28.73 9.15 16.75
CA ASP B 39 -29.70 10.24 16.86
C ASP B 39 -29.04 11.55 17.25
N THR B 40 -28.08 11.49 18.17
CA THR B 40 -27.36 12.69 18.57
C THR B 40 -26.58 13.30 17.40
N LEU B 41 -25.90 12.45 16.62
CA LEU B 41 -25.17 12.98 15.46
C LEU B 41 -26.13 13.55 14.42
N ILE B 42 -27.33 13.01 14.30
CA ILE B 42 -28.31 13.58 13.37
C ILE B 42 -28.76 14.95 13.86
N SER B 43 -28.93 15.11 15.18
CA SER B 43 -29.31 16.41 15.70
CA SER B 43 -29.31 16.41 15.72
C SER B 43 -28.22 17.45 15.47
N LYS B 44 -26.97 17.03 15.31
CA LYS B 44 -25.89 17.95 14.98
C LYS B 44 -25.85 18.29 13.50
N GLY B 45 -26.65 17.64 12.67
CA GLY B 45 -26.73 17.93 11.26
C GLY B 45 -26.13 16.87 10.34
N MET B 46 -25.66 15.74 10.87
CA MET B 46 -25.12 14.71 9.99
C MET B 46 -26.27 13.95 9.34
N ASN B 47 -26.11 13.58 8.07
CA ASN B 47 -27.22 12.97 7.33
C ASN B 47 -26.82 11.69 6.60
N ILE B 48 -25.67 11.11 6.91
CA ILE B 48 -25.26 9.85 6.30
C ILE B 48 -24.44 9.07 7.30
N PHE B 49 -24.67 7.76 7.37
CA PHE B 49 -23.97 6.90 8.32
C PHE B 49 -23.56 5.65 7.58
N ARG B 50 -22.26 5.38 7.56
CA ARG B 50 -21.71 4.21 6.87
C ARG B 50 -21.51 3.10 7.88
N VAL B 51 -22.04 1.91 7.58
CA VAL B 51 -22.11 0.81 8.53
C VAL B 51 -21.26 -0.36 8.02
N PRO B 52 -20.01 -0.47 8.49
CA PRO B 52 -19.19 -1.65 8.15
C PRO B 52 -19.77 -2.94 8.73
N PHE B 53 -19.60 -4.02 7.97
CA PHE B 53 -19.93 -5.36 8.44
C PHE B 53 -19.05 -6.33 7.67
N MET B 54 -18.98 -7.59 8.11
CA MET B 54 -18.19 -8.61 7.42
CA MET B 54 -18.18 -8.59 7.41
C MET B 54 -19.07 -9.42 6.49
N MET B 55 -18.64 -9.58 5.22
CA MET B 55 -19.33 -10.46 4.29
C MET B 55 -19.54 -11.85 4.88
N GLU B 56 -18.53 -12.36 5.60
CA GLU B 56 -18.58 -13.74 6.06
C GLU B 56 -19.57 -13.92 7.19
N ARG B 57 -19.86 -12.85 7.95
CA ARG B 57 -20.89 -12.93 8.97
C ARG B 57 -22.29 -12.77 8.39
N LEU B 58 -22.45 -11.97 7.34
CA LEU B 58 -23.78 -11.79 6.76
C LEU B 58 -24.17 -12.97 5.87
N VAL B 59 -23.22 -13.51 5.11
CA VAL B 59 -23.49 -14.64 4.21
C VAL B 59 -22.35 -15.63 4.39
N PRO B 60 -22.46 -16.57 5.33
CA PRO B 60 -21.30 -17.39 5.69
C PRO B 60 -20.95 -18.43 4.65
N ASN B 61 -19.65 -18.77 4.62
CA ASN B 61 -19.07 -19.91 3.92
C ASN B 61 -18.97 -19.72 2.41
N SER B 62 -20.10 -19.51 1.75
CA SER B 62 -20.16 -19.23 0.33
C SER B 62 -20.93 -17.93 0.11
N MET B 63 -20.34 -16.99 -0.64
CA MET B 63 -21.02 -15.72 -0.80
C MET B 63 -22.28 -15.83 -1.65
N THR B 64 -22.51 -16.98 -2.30
CA THR B 64 -23.71 -17.20 -3.09
C THR B 64 -24.81 -17.86 -2.27
N GLY B 65 -24.56 -18.08 -0.99
CA GLY B 65 -25.51 -18.77 -0.12
C GLY B 65 -26.54 -17.84 0.50
N SER B 66 -27.30 -18.41 1.44
CA SER B 66 -28.33 -17.66 2.14
CA SER B 66 -28.33 -17.62 2.11
C SER B 66 -27.72 -16.82 3.26
N PRO B 67 -28.33 -15.68 3.59
CA PRO B 67 -27.79 -14.86 4.68
C PRO B 67 -28.00 -15.51 6.03
N ASP B 68 -27.16 -15.08 6.99
CA ASP B 68 -27.35 -15.49 8.38
C ASP B 68 -28.48 -14.69 8.99
N PRO B 69 -29.59 -15.30 9.39
CA PRO B 69 -30.73 -14.48 9.83
C PRO B 69 -30.43 -13.55 11.01
N ASN B 70 -29.63 -13.99 12.00
CA ASN B 70 -29.43 -13.16 13.17
C ASN B 70 -28.52 -11.96 12.90
N TYR B 71 -27.44 -12.15 12.16
CA TYR B 71 -26.60 -11.01 11.82
C TYR B 71 -27.32 -10.09 10.84
N LEU B 72 -27.99 -10.67 9.84
CA LEU B 72 -28.82 -9.87 8.95
C LEU B 72 -29.86 -9.05 9.71
N ALA B 73 -30.48 -9.65 10.74
CA ALA B 73 -31.50 -8.93 11.50
C ALA B 73 -30.94 -7.66 12.10
N ASP B 74 -29.72 -7.71 12.61
CA ASP B 74 -29.12 -6.53 13.20
C ASP B 74 -28.66 -5.53 12.15
N LEU B 75 -28.22 -6.00 10.97
CA LEU B 75 -27.94 -5.07 9.88
C LEU B 75 -29.21 -4.31 9.48
N ILE B 76 -30.31 -5.04 9.30
CA ILE B 76 -31.58 -4.42 8.94
C ILE B 76 -32.01 -3.44 10.02
N ALA B 77 -31.91 -3.85 11.29
CA ALA B 77 -32.36 -2.95 12.36
C ALA B 77 -31.56 -1.66 12.34
N THR B 78 -30.23 -1.77 12.18
CA THR B 78 -29.38 -0.58 12.19
C THR B 78 -29.68 0.31 11.00
N VAL B 79 -29.75 -0.28 9.81
CA VAL B 79 -30.01 0.48 8.59
C VAL B 79 -31.35 1.18 8.67
N ASN B 80 -32.41 0.45 9.01
CA ASN B 80 -33.73 1.06 8.92
C ASN B 80 -33.93 2.10 10.02
N ALA B 81 -33.25 1.96 11.17
CA ALA B 81 -33.33 3.00 12.19
C ALA B 81 -32.71 4.31 11.69
N ILE B 82 -31.61 4.20 10.95
CA ILE B 82 -31.02 5.38 10.32
C ILE B 82 -32.00 6.00 9.32
N THR B 83 -32.56 5.17 8.42
CA THR B 83 -33.38 5.74 7.35
C THR B 83 -34.74 6.21 7.86
N GLN B 84 -35.26 5.61 8.93
CA GLN B 84 -36.50 6.12 9.52
C GLN B 84 -36.34 7.55 10.03
N LYS B 85 -35.10 7.94 10.38
CA LYS B 85 -34.82 9.31 10.79
C LYS B 85 -34.57 10.26 9.61
N GLY B 86 -34.57 9.74 8.39
CA GLY B 86 -34.38 10.54 7.19
C GLY B 86 -32.97 10.62 6.70
N ALA B 87 -32.04 9.97 7.37
CA ALA B 87 -30.64 9.94 6.98
C ALA B 87 -30.38 8.76 6.07
N TYR B 88 -29.27 8.84 5.33
CA TYR B 88 -28.83 7.77 4.46
C TYR B 88 -27.96 6.78 5.23
N ALA B 89 -28.11 5.51 4.89
CA ALA B 89 -27.38 4.41 5.51
C ALA B 89 -26.57 3.71 4.44
N VAL B 90 -25.24 3.68 4.60
CA VAL B 90 -24.35 3.02 3.65
C VAL B 90 -24.05 1.62 4.16
N VAL B 91 -24.38 0.63 3.33
CA VAL B 91 -24.19 -0.77 3.66
C VAL B 91 -22.81 -1.14 3.13
N ASP B 92 -21.85 -1.33 4.04
CA ASP B 92 -20.42 -1.46 3.68
C ASP B 92 -19.88 -2.83 4.03
N PRO B 93 -19.77 -3.77 3.07
CA PRO B 93 -19.02 -5.00 3.34
C PRO B 93 -17.54 -4.65 3.44
N HIS B 94 -17.03 -4.66 4.66
CA HIS B 94 -15.74 -4.06 4.99
C HIS B 94 -14.62 -5.08 4.77
N ASN B 95 -14.47 -5.50 3.51
CA ASN B 95 -13.80 -6.76 3.22
C ASN B 95 -12.57 -6.70 2.34
N TYR B 96 -12.18 -5.52 1.85
CA TYR B 96 -10.88 -5.37 1.18
C TYR B 96 -10.79 -6.22 -0.08
N GLY B 97 -11.93 -6.47 -0.73
CA GLY B 97 -11.97 -7.28 -1.92
C GLY B 97 -11.67 -8.74 -1.67
N ARG B 98 -11.83 -9.19 -0.43
CA ARG B 98 -11.42 -10.52 -0.02
C ARG B 98 -12.52 -11.17 0.81
N TYR B 99 -12.54 -12.49 0.76
CA TYR B 99 -13.59 -13.29 1.41
C TYR B 99 -12.86 -14.48 2.02
N TYR B 100 -12.95 -14.60 3.35
CA TYR B 100 -12.09 -15.52 4.12
C TYR B 100 -10.62 -15.30 3.76
N ASN B 101 -10.28 -14.01 3.64
CA ASN B 101 -8.94 -13.48 3.34
CA ASN B 101 -8.92 -13.53 3.37
C ASN B 101 -8.37 -14.00 2.02
N SER B 102 -9.22 -14.42 1.09
CA SER B 102 -8.81 -14.72 -0.28
C SER B 102 -9.43 -13.71 -1.25
N ILE B 103 -8.65 -13.28 -2.23
CA ILE B 103 -9.18 -12.33 -3.23
C ILE B 103 -10.45 -12.89 -3.86
N ILE B 104 -11.47 -12.04 -3.94
CA ILE B 104 -12.70 -12.41 -4.63
C ILE B 104 -12.44 -12.41 -6.12
N SER B 105 -12.32 -13.59 -6.71
CA SER B 105 -11.94 -13.70 -8.11
C SER B 105 -13.09 -14.05 -9.04
N SER B 106 -14.30 -14.22 -8.52
CA SER B 106 -15.48 -14.59 -9.30
C SER B 106 -16.47 -13.44 -9.35
N PRO B 107 -16.49 -12.65 -10.43
CA PRO B 107 -17.53 -11.61 -10.52
C PRO B 107 -18.94 -12.20 -10.44
N SER B 108 -19.16 -13.40 -10.99
CA SER B 108 -20.50 -13.96 -10.93
CA SER B 108 -20.50 -13.97 -10.93
C SER B 108 -20.92 -14.28 -9.49
N ASP B 109 -20.01 -14.83 -8.68
CA ASP B 109 -20.35 -15.10 -7.27
C ASP B 109 -20.62 -13.79 -6.54
N PHE B 110 -19.82 -12.76 -6.84
CA PHE B 110 -19.98 -11.46 -6.19
C PHE B 110 -21.29 -10.83 -6.58
N GLN B 111 -21.69 -11.00 -7.85
CA GLN B 111 -22.98 -10.50 -8.30
C GLN B 111 -24.12 -11.15 -7.53
N THR B 112 -24.05 -12.48 -7.33
CA THR B 112 -25.08 -13.15 -6.54
C THR B 112 -25.13 -12.64 -5.11
N PHE B 113 -23.96 -12.49 -4.48
CA PHE B 113 -23.91 -11.87 -3.15
C PHE B 113 -24.66 -10.54 -3.15
N TRP B 114 -24.41 -9.70 -4.15
CA TRP B 114 -25.02 -8.38 -4.15
C TRP B 114 -26.51 -8.41 -4.49
N LYS B 115 -26.97 -9.35 -5.32
CA LYS B 115 -28.42 -9.48 -5.47
C LYS B 115 -29.05 -9.86 -4.14
N THR B 116 -28.41 -10.80 -3.41
CA THR B 116 -28.91 -11.18 -2.08
C THR B 116 -29.01 -9.98 -1.15
N VAL B 117 -27.95 -9.19 -1.04
CA VAL B 117 -27.95 -8.07 -0.11
C VAL B 117 -28.96 -7.00 -0.53
N ALA B 118 -28.94 -6.63 -1.82
CA ALA B 118 -29.83 -5.56 -2.29
C ALA B 118 -31.30 -5.95 -2.14
N SER B 119 -31.61 -7.24 -2.27
CA SER B 119 -32.98 -7.69 -2.12
CA SER B 119 -33.00 -7.63 -2.14
C SER B 119 -33.53 -7.41 -0.74
N GLN B 120 -32.66 -7.26 0.26
CA GLN B 120 -33.13 -6.98 1.61
C GLN B 120 -33.50 -5.52 1.81
N PHE B 121 -33.11 -4.65 0.88
CA PHE B 121 -33.32 -3.21 1.03
C PHE B 121 -33.92 -2.58 -0.22
N ALA B 122 -34.55 -3.38 -1.09
CA ALA B 122 -34.74 -2.95 -2.47
C ALA B 122 -35.69 -1.77 -2.62
N SER B 123 -36.62 -1.60 -1.69
CA SER B 123 -37.62 -0.53 -1.72
CA SER B 123 -37.54 -0.47 -1.82
C SER B 123 -37.25 0.67 -0.85
N ASN B 124 -36.06 0.69 -0.27
CA ASN B 124 -35.68 1.77 0.64
C ASN B 124 -34.74 2.73 -0.09
N PRO B 125 -35.22 3.92 -0.48
CA PRO B 125 -34.38 4.81 -1.29
C PRO B 125 -33.26 5.48 -0.52
N LEU B 126 -33.24 5.39 0.82
CA LEU B 126 -32.21 6.01 1.62
C LEU B 126 -31.07 5.07 1.95
N VAL B 127 -31.13 3.82 1.50
CA VAL B 127 -30.01 2.91 1.62
C VAL B 127 -29.05 3.19 0.47
N ILE B 128 -27.75 3.15 0.77
CA ILE B 128 -26.68 3.26 -0.22
C ILE B 128 -25.85 1.99 -0.17
N PHE B 129 -25.60 1.40 -1.34
CA PHE B 129 -24.84 0.15 -1.40
C PHE B 129 -23.40 0.45 -1.74
N ASP B 130 -22.47 -0.09 -0.94
CA ASP B 130 -21.03 0.19 -1.09
C ASP B 130 -20.37 -1.12 -1.51
N THR B 131 -19.81 -1.19 -2.72
CA THR B 131 -19.52 -2.50 -3.30
C THR B 131 -18.55 -3.32 -2.43
N ASN B 132 -17.48 -2.69 -1.92
CA ASN B 132 -16.59 -3.32 -0.95
C ASN B 132 -15.64 -2.24 -0.45
N ASN B 133 -15.23 -2.35 0.81
CA ASN B 133 -14.25 -1.42 1.37
C ASN B 133 -12.83 -1.72 0.91
N GLN B 134 -12.20 -0.76 0.21
CA GLN B 134 -10.74 -0.69 0.04
CA GLN B 134 -10.74 -0.72 0.06
C GLN B 134 -10.16 -1.96 -0.60
N TYR B 135 -10.53 -2.20 -1.86
CA TYR B 135 -9.79 -3.15 -2.69
C TYR B 135 -8.30 -2.79 -2.70
N HIS B 136 -7.43 -3.80 -2.73
CA HIS B 136 -5.99 -3.52 -2.77
C HIS B 136 -5.25 -4.76 -3.23
N ASP B 137 -4.04 -4.54 -3.76
CA ASP B 137 -3.09 -5.59 -4.16
C ASP B 137 -3.79 -6.71 -4.92
N MET B 138 -4.47 -6.31 -5.99
CA MET B 138 -5.20 -7.26 -6.83
C MET B 138 -5.33 -6.67 -8.22
N ASP B 139 -5.72 -7.54 -9.16
CA ASP B 139 -5.74 -7.16 -10.57
C ASP B 139 -6.71 -6.01 -10.81
N GLN B 140 -6.25 -5.01 -11.59
CA GLN B 140 -7.00 -3.77 -11.77
C GLN B 140 -8.26 -3.97 -12.61
N THR B 141 -8.19 -4.87 -13.62
CA THR B 141 -9.41 -5.20 -14.36
C THR B 141 -10.39 -5.97 -13.50
N LEU B 142 -9.88 -6.85 -12.62
CA LEU B 142 -10.77 -7.53 -11.68
C LEU B 142 -11.52 -6.53 -10.80
N VAL B 143 -10.82 -5.49 -10.28
CA VAL B 143 -11.52 -4.51 -9.45
C VAL B 143 -12.66 -3.86 -10.22
N LEU B 144 -12.37 -3.42 -11.46
CA LEU B 144 -13.43 -2.90 -12.32
C LEU B 144 -14.57 -3.89 -12.44
N ASN B 145 -14.27 -5.15 -12.74
CA ASN B 145 -15.30 -6.15 -12.99
C ASN B 145 -16.09 -6.50 -11.73
N LEU B 146 -15.45 -6.48 -10.55
CA LEU B 146 -16.20 -6.70 -9.31
C LEU B 146 -17.17 -5.57 -9.04
N ASN B 147 -16.73 -4.33 -9.23
CA ASN B 147 -17.64 -3.20 -9.07
C ASN B 147 -18.80 -3.30 -10.04
N GLN B 148 -18.54 -3.70 -11.28
CA GLN B 148 -19.65 -3.81 -12.23
C GLN B 148 -20.58 -4.94 -11.84
N ALA B 149 -20.02 -6.08 -11.42
CA ALA B 149 -20.87 -7.19 -10.99
C ALA B 149 -21.78 -6.77 -9.83
N ALA B 150 -21.27 -5.97 -8.90
CA ALA B 150 -22.10 -5.52 -7.78
C ALA B 150 -23.25 -4.66 -8.28
N ILE B 151 -22.95 -3.68 -9.15
CA ILE B 151 -23.99 -2.84 -9.74
C ILE B 151 -25.03 -3.72 -10.40
N ASP B 152 -24.59 -4.66 -11.23
CA ASP B 152 -25.54 -5.50 -11.97
C ASP B 152 -26.41 -6.30 -11.00
N GLY B 153 -25.82 -6.84 -9.94
CA GLY B 153 -26.62 -7.61 -9.00
C GLY B 153 -27.62 -6.74 -8.27
N ILE B 154 -27.17 -5.58 -7.81
CA ILE B 154 -28.07 -4.65 -7.12
C ILE B 154 -29.26 -4.29 -8.00
N ARG B 155 -28.99 -3.87 -9.24
CA ARG B 155 -30.10 -3.42 -10.08
C ARG B 155 -30.99 -4.59 -10.48
N SER B 156 -30.44 -5.81 -10.58
CA SER B 156 -31.26 -6.97 -10.93
C SER B 156 -32.26 -7.30 -9.83
N ALA B 157 -31.99 -6.87 -8.59
CA ALA B 157 -32.93 -7.07 -7.49
C ALA B 157 -34.09 -6.08 -7.51
N GLY B 158 -34.12 -5.16 -8.47
CA GLY B 158 -35.10 -4.11 -8.43
C GLY B 158 -34.75 -2.96 -7.52
N ALA B 159 -33.52 -2.95 -7.00
CA ALA B 159 -33.06 -1.85 -6.13
C ALA B 159 -32.49 -0.80 -7.07
N THR B 160 -33.39 0.02 -7.62
CA THR B 160 -33.04 0.97 -8.67
C THR B 160 -32.98 2.41 -8.19
N SER B 161 -33.55 2.71 -7.02
CA SER B 161 -33.60 4.08 -6.53
C SER B 161 -32.33 4.51 -5.82
N GLN B 162 -31.49 3.56 -5.40
CA GLN B 162 -30.40 3.80 -4.46
C GLN B 162 -29.11 4.20 -5.17
N TYR B 163 -28.36 5.08 -4.51
CA TYR B 163 -26.99 5.32 -4.95
C TYR B 163 -26.13 4.09 -4.69
N ILE B 164 -25.10 3.93 -5.52
CA ILE B 164 -24.09 2.88 -5.36
C ILE B 164 -22.74 3.56 -5.19
N PHE B 165 -22.07 3.29 -4.05
CA PHE B 165 -20.71 3.77 -3.86
C PHE B 165 -19.76 2.71 -4.42
N VAL B 166 -18.97 3.07 -5.42
CA VAL B 166 -17.97 2.17 -5.97
C VAL B 166 -16.63 2.54 -5.34
N GLU B 167 -15.77 1.54 -5.16
CA GLU B 167 -14.45 1.78 -4.58
C GLU B 167 -13.40 1.24 -5.51
N GLY B 168 -12.25 1.91 -5.51
CA GLY B 168 -11.14 1.52 -6.36
C GLY B 168 -10.06 0.74 -5.63
N ASN B 169 -9.05 0.37 -6.41
CA ASN B 169 -7.84 -0.29 -5.94
C ASN B 169 -7.00 0.71 -5.11
N SER B 170 -5.84 0.25 -4.62
CA SER B 170 -4.95 1.08 -3.79
C SER B 170 -5.69 1.63 -2.57
N TRP B 171 -6.47 0.76 -1.92
CA TRP B 171 -7.24 1.10 -0.72
C TRP B 171 -8.17 2.28 -0.96
N THR B 172 -8.67 2.39 -2.20
CA THR B 172 -9.48 3.48 -2.73
C THR B 172 -9.00 4.87 -2.27
N GLY B 173 -7.68 5.04 -2.14
CA GLY B 173 -7.15 6.33 -1.69
C GLY B 173 -7.35 7.40 -2.75
N ALA B 174 -7.73 8.61 -2.29
CA ALA B 174 -7.84 9.72 -3.23
C ALA B 174 -6.48 10.09 -3.78
N TRP B 175 -5.46 10.06 -2.92
CA TRP B 175 -4.15 10.54 -3.36
C TRP B 175 -3.52 9.63 -4.41
N THR B 176 -3.97 8.38 -4.50
CA THR B 176 -3.44 7.43 -5.47
C THR B 176 -4.39 7.17 -6.63
N TRP B 177 -5.50 7.90 -6.70
CA TRP B 177 -6.60 7.49 -7.58
C TRP B 177 -6.22 7.60 -9.05
N THR B 178 -5.68 8.75 -9.47
CA THR B 178 -5.59 9.04 -10.90
CA THR B 178 -5.61 9.02 -10.91
C THR B 178 -4.71 8.04 -11.65
N ASN B 179 -3.57 7.66 -11.07
CA ASN B 179 -2.71 6.76 -11.83
C ASN B 179 -2.99 5.30 -11.59
N VAL B 180 -3.88 4.94 -10.67
CA VAL B 180 -4.23 3.55 -10.44
C VAL B 180 -5.59 3.20 -11.02
N ASN B 181 -6.60 4.05 -10.80
CA ASN B 181 -8.00 3.68 -10.96
C ASN B 181 -8.67 4.35 -12.17
N ASP B 182 -7.90 4.76 -13.17
CA ASP B 182 -8.50 5.43 -14.32
C ASP B 182 -9.57 4.55 -14.98
N ASN B 183 -9.35 3.23 -15.02
CA ASN B 183 -10.29 2.36 -15.73
C ASN B 183 -11.68 2.34 -15.10
N MET B 184 -11.79 2.80 -13.85
CA MET B 184 -13.09 2.82 -13.17
C MET B 184 -14.06 3.79 -13.80
N LYS B 185 -13.59 4.70 -14.65
CA LYS B 185 -14.52 5.58 -15.34
C LYS B 185 -15.50 4.82 -16.22
N SER B 186 -15.20 3.58 -16.61
CA SER B 186 -16.08 2.87 -17.54
CA SER B 186 -16.04 2.82 -17.53
C SER B 186 -17.19 2.12 -16.85
N LEU B 187 -17.29 2.17 -15.52
CA LEU B 187 -18.44 1.57 -14.85
C LEU B 187 -19.74 2.16 -15.38
N THR B 188 -20.75 1.31 -15.52
CA THR B 188 -22.05 1.68 -16.07
C THR B 188 -23.15 1.36 -15.05
N ASP B 189 -24.22 2.15 -15.06
CA ASP B 189 -25.36 1.96 -14.15
C ASP B 189 -26.63 2.48 -14.83
N PRO B 190 -27.63 1.63 -15.10
CA PRO B 190 -28.85 2.13 -15.73
C PRO B 190 -29.59 3.18 -14.91
N SER B 191 -29.38 3.22 -13.59
CA SER B 191 -29.98 4.25 -12.75
C SER B 191 -29.18 5.55 -12.73
N ASP B 192 -27.95 5.54 -13.26
CA ASP B 192 -27.10 6.74 -13.29
C ASP B 192 -26.88 7.30 -11.89
N LYS B 193 -26.57 6.41 -10.95
CA LYS B 193 -26.36 6.82 -9.56
C LYS B 193 -25.07 6.25 -8.99
N ILE B 194 -24.01 6.22 -9.80
CA ILE B 194 -22.70 5.79 -9.31
C ILE B 194 -22.04 6.97 -8.61
N ILE B 195 -21.52 6.76 -7.40
CA ILE B 195 -20.66 7.73 -6.74
C ILE B 195 -19.31 7.07 -6.49
N TYR B 196 -18.23 7.75 -6.89
CA TYR B 196 -16.89 7.23 -6.68
C TYR B 196 -16.44 7.54 -5.26
N GLU B 197 -16.36 6.51 -4.42
CA GLU B 197 -15.99 6.68 -3.02
C GLU B 197 -14.49 6.52 -2.85
N MET B 198 -13.83 7.57 -2.38
CA MET B 198 -12.41 7.56 -2.09
C MET B 198 -12.20 7.84 -0.62
N HIS B 199 -11.10 7.35 -0.07
CA HIS B 199 -10.73 7.60 1.31
C HIS B 199 -9.47 8.44 1.36
N GLN B 200 -9.35 9.28 2.39
CA GLN B 200 -8.11 10.05 2.54
C GLN B 200 -7.79 10.23 4.02
N PHE B 201 -6.70 9.62 4.45
CA PHE B 201 -6.13 9.89 5.75
C PHE B 201 -4.93 10.81 5.58
N LEU B 202 -4.49 11.38 6.71
CA LEU B 202 -3.64 12.56 6.69
C LEU B 202 -2.29 12.35 7.35
N ASP B 203 -1.99 11.13 7.81
CA ASP B 203 -0.70 10.84 8.38
C ASP B 203 0.30 10.47 7.28
N SER B 204 1.56 10.29 7.71
CA SER B 204 2.73 9.99 6.88
C SER B 204 2.40 9.17 5.65
N ASP B 205 1.96 7.94 5.86
CA ASP B 205 1.75 6.97 4.79
C ASP B 205 0.29 6.83 4.38
N GLY B 206 -0.59 7.73 4.82
CA GLY B 206 -2.00 7.64 4.49
C GLY B 206 -2.75 6.46 5.08
N SER B 207 -2.15 5.76 6.04
CA SER B 207 -2.77 4.56 6.61
C SER B 207 -3.88 4.88 7.61
N GLY B 208 -3.95 6.10 8.14
CA GLY B 208 -4.94 6.37 9.18
C GLY B 208 -4.66 5.68 10.49
N THR B 209 -3.39 5.52 10.84
CA THR B 209 -3.04 4.88 12.10
C THR B 209 -2.37 5.79 13.11
N SER B 210 -1.89 6.98 12.70
CA SER B 210 -1.30 7.95 13.60
C SER B 210 -2.19 9.19 13.71
N ALA B 211 -2.22 9.79 14.90
CA ALA B 211 -2.93 11.04 15.12
C ALA B 211 -2.19 12.25 14.57
N THR B 212 -0.94 12.08 14.14
CA THR B 212 -0.15 13.16 13.59
C THR B 212 -0.41 13.30 12.10
N CYS B 213 -0.63 14.53 11.64
CA CYS B 213 -0.80 14.84 10.24
C CYS B 213 0.51 15.39 9.66
N VAL B 214 0.73 15.12 8.36
CA VAL B 214 1.97 15.54 7.69
C VAL B 214 2.14 17.05 7.75
N SER B 215 1.05 17.79 7.51
CA SER B 215 1.13 19.24 7.37
C SER B 215 -0.28 19.81 7.44
N SER B 216 -0.34 21.12 7.57
CA SER B 216 -1.60 21.84 7.64
CA SER B 216 -1.62 21.81 7.65
C SER B 216 -2.34 21.89 6.31
N THR B 217 -1.73 21.45 5.21
CA THR B 217 -2.39 21.50 3.92
C THR B 217 -2.49 20.14 3.25
N ILE B 218 -2.21 19.07 3.99
CA ILE B 218 -1.99 17.77 3.33
C ILE B 218 -3.29 17.20 2.78
N GLY B 219 -4.42 17.52 3.39
CA GLY B 219 -5.68 16.98 2.90
C GLY B 219 -6.04 17.51 1.52
N GLN B 220 -6.08 18.83 1.40
CA GLN B 220 -6.24 19.48 0.11
C GLN B 220 -5.26 18.94 -0.92
N GLU B 221 -3.96 18.90 -0.57
CA GLU B 221 -2.96 18.42 -1.52
C GLU B 221 -3.31 17.04 -2.04
N ARG B 222 -3.72 16.15 -1.14
CA ARG B 222 -3.91 14.74 -1.48
C ARG B 222 -5.20 14.47 -2.25
N ILE B 223 -6.16 15.39 -2.27
CA ILE B 223 -7.36 15.15 -3.06
C ILE B 223 -7.43 16.00 -4.31
N THR B 224 -6.41 16.83 -4.59
CA THR B 224 -6.48 17.75 -5.73
C THR B 224 -6.52 16.99 -7.06
N SER B 225 -5.62 16.03 -7.25
CA SER B 225 -5.60 15.28 -8.51
CA SER B 225 -5.62 15.33 -8.53
CA SER B 225 -5.60 15.29 -8.52
C SER B 225 -6.89 14.50 -8.72
N ALA B 226 -7.41 13.91 -7.65
CA ALA B 226 -8.68 13.17 -7.75
C ALA B 226 -9.83 14.09 -8.15
N THR B 227 -9.84 15.31 -7.62
CA THR B 227 -10.86 16.28 -7.98
C THR B 227 -10.86 16.57 -9.49
N GLN B 228 -9.66 16.78 -10.05
CA GLN B 228 -9.57 17.04 -11.48
CA GLN B 228 -9.55 17.03 -11.49
C GLN B 228 -10.01 15.82 -12.29
N TRP B 229 -9.72 14.61 -11.79
CA TRP B 229 -10.14 13.40 -12.50
C TRP B 229 -11.65 13.29 -12.54
N LEU B 230 -12.31 13.54 -11.41
CA LEU B 230 -13.77 13.52 -11.39
C LEU B 230 -14.33 14.52 -12.37
N ARG B 231 -13.78 15.74 -12.39
CA ARG B 231 -14.35 16.77 -13.26
C ARG B 231 -14.11 16.43 -14.72
N ALA B 232 -12.88 16.02 -15.06
CA ALA B 232 -12.56 15.71 -16.45
C ALA B 232 -13.43 14.60 -16.99
N ASN B 233 -13.86 13.68 -16.13
CA ASN B 233 -14.61 12.51 -16.55
C ASN B 233 -16.10 12.62 -16.26
N GLY B 234 -16.56 13.78 -15.81
CA GLY B 234 -17.98 13.97 -15.55
C GLY B 234 -18.55 13.06 -14.47
N LYS B 235 -17.76 12.79 -13.42
CA LYS B 235 -18.14 11.87 -12.36
C LYS B 235 -18.44 12.63 -11.07
N LYS B 236 -19.10 11.95 -10.14
CA LYS B 236 -19.29 12.43 -8.78
C LYS B 236 -18.50 11.56 -7.82
N GLY B 237 -17.95 12.17 -6.78
CA GLY B 237 -17.24 11.43 -5.75
C GLY B 237 -17.75 11.74 -4.35
N ILE B 238 -17.29 10.93 -3.40
CA ILE B 238 -17.49 11.18 -1.98
C ILE B 238 -16.25 10.71 -1.26
N ILE B 239 -15.90 11.40 -0.17
CA ILE B 239 -14.85 10.93 0.71
C ILE B 239 -15.53 10.03 1.75
N GLY B 240 -15.34 8.72 1.61
CA GLY B 240 -16.07 7.79 2.47
C GLY B 240 -15.42 7.52 3.82
N GLU B 241 -14.14 7.86 3.97
CA GLU B 241 -13.41 7.82 5.24
C GLU B 241 -12.37 8.91 5.21
N PHE B 242 -12.32 9.72 6.27
CA PHE B 242 -11.20 10.60 6.52
C PHE B 242 -11.11 10.83 8.02
N ALA B 243 -9.93 11.20 8.49
CA ALA B 243 -9.73 11.46 9.91
C ALA B 243 -8.41 12.18 10.09
N GLY B 244 -8.29 12.84 11.23
CA GLY B 244 -7.03 13.36 11.71
C GLY B 244 -7.11 13.47 13.22
N GLY B 245 -5.94 13.56 13.86
CA GLY B 245 -5.90 13.68 15.29
C GLY B 245 -6.46 15.00 15.79
N ALA B 246 -6.80 15.04 17.07
CA ALA B 246 -7.29 16.26 17.70
C ALA B 246 -6.08 17.12 18.09
N ASN B 247 -5.55 17.82 17.10
CA ASN B 247 -4.41 18.69 17.30
C ASN B 247 -4.42 19.77 16.24
N ASP B 248 -3.53 20.76 16.40
CA ASP B 248 -3.64 21.97 15.60
C ASP B 248 -3.40 21.69 14.12
N VAL B 249 -2.32 20.97 13.78
CA VAL B 249 -2.00 20.76 12.38
C VAL B 249 -3.09 19.97 11.68
N CYS B 250 -3.63 18.94 12.35
CA CYS B 250 -4.66 18.11 11.71
C CYS B 250 -5.95 18.90 11.54
N GLU B 251 -6.33 19.67 12.56
CA GLU B 251 -7.53 20.48 12.46
C GLU B 251 -7.43 21.47 11.31
N THR B 252 -6.26 22.10 11.13
CA THR B 252 -6.10 22.99 10.00
C THR B 252 -6.18 22.25 8.68
N ALA B 253 -5.57 21.05 8.61
CA ALA B 253 -5.63 20.25 7.41
C ALA B 253 -7.04 19.80 7.10
N ILE B 254 -7.81 19.46 8.14
CA ILE B 254 -9.19 19.02 7.92
C ILE B 254 -10.03 20.17 7.38
N THR B 255 -9.94 21.34 8.03
CA THR B 255 -10.64 22.53 7.57
C THR B 255 -10.22 22.89 6.15
N GLY B 256 -8.93 22.79 5.85
CA GLY B 256 -8.47 23.13 4.52
C GLY B 256 -9.00 22.17 3.46
N MET B 257 -9.03 20.88 3.77
CA MET B 257 -9.52 19.90 2.80
C MET B 257 -11.00 20.08 2.54
N LEU B 258 -11.79 20.31 3.60
CA LEU B 258 -13.23 20.47 3.41
C LEU B 258 -13.56 21.81 2.77
N ASP B 259 -12.83 22.87 3.13
CA ASP B 259 -13.00 24.13 2.42
C ASP B 259 -12.72 23.96 0.94
N TYR B 260 -11.65 23.23 0.60
CA TYR B 260 -11.36 22.95 -0.81
C TYR B 260 -12.50 22.17 -1.48
N MET B 261 -13.00 21.13 -0.81
CA MET B 261 -14.13 20.37 -1.35
C MET B 261 -15.34 21.25 -1.56
N ALA B 262 -15.55 22.23 -0.67
CA ALA B 262 -16.71 23.11 -0.78
C ALA B 262 -16.60 24.03 -1.99
N GLN B 263 -15.40 24.28 -2.48
CA GLN B 263 -15.22 25.03 -3.71
CA GLN B 263 -15.23 25.03 -3.72
C GLN B 263 -15.37 24.15 -4.94
N ASN B 264 -15.60 22.86 -4.75
CA ASN B 264 -15.60 21.88 -5.82
C ASN B 264 -16.78 20.94 -5.68
N THR B 265 -17.96 21.48 -5.33
CA THR B 265 -19.13 20.64 -5.13
C THR B 265 -19.77 20.17 -6.43
N ASP B 266 -19.30 20.65 -7.58
CA ASP B 266 -19.72 20.04 -8.84
C ASP B 266 -19.26 18.60 -8.96
N VAL B 267 -18.21 18.21 -8.22
CA VAL B 267 -17.81 16.80 -8.23
C VAL B 267 -17.89 16.16 -6.84
N TRP B 268 -17.71 16.91 -5.76
CA TRP B 268 -17.71 16.30 -4.43
C TRP B 268 -19.10 16.36 -3.79
N THR B 269 -19.68 15.19 -3.52
CA THR B 269 -20.96 15.07 -2.85
C THR B 269 -20.86 15.14 -1.32
N GLY B 270 -19.67 15.08 -0.76
CA GLY B 270 -19.52 15.22 0.68
C GLY B 270 -18.46 14.33 1.29
N ALA B 271 -18.60 14.02 2.58
CA ALA B 271 -17.50 13.44 3.34
C ALA B 271 -18.06 12.69 4.54
N ILE B 272 -17.36 11.63 4.95
CA ILE B 272 -17.80 10.72 6.00
C ILE B 272 -16.62 10.45 6.93
N TRP B 273 -16.73 10.88 8.18
CA TRP B 273 -15.65 10.72 9.15
C TRP B 273 -15.43 9.26 9.55
N TRP B 274 -14.17 8.89 9.78
CA TRP B 274 -13.82 7.61 10.39
C TRP B 274 -13.29 7.90 11.81
N ALA B 275 -14.01 7.49 12.86
CA ALA B 275 -15.27 6.75 12.85
C ALA B 275 -15.97 6.95 14.21
N ALA B 276 -17.30 6.78 14.21
CA ALA B 276 -18.04 6.64 15.45
C ALA B 276 -18.31 5.15 15.68
N GLY B 277 -19.09 4.82 16.72
CA GLY B 277 -19.34 3.44 17.10
C GLY B 277 -19.16 3.27 18.59
N PRO B 278 -19.73 2.20 19.18
CA PRO B 278 -19.80 2.12 20.64
C PRO B 278 -18.59 1.50 21.33
N TRP B 279 -17.69 0.84 20.60
CA TRP B 279 -16.57 0.13 21.23
C TRP B 279 -15.22 0.76 20.91
N TRP B 280 -15.19 2.08 20.74
CA TRP B 280 -13.93 2.75 20.43
C TRP B 280 -13.16 3.23 21.66
N GLY B 281 -13.83 3.43 22.81
CA GLY B 281 -13.12 3.96 23.96
C GLY B 281 -12.38 5.25 23.66
N ASP B 282 -11.09 5.31 24.01
CA ASP B 282 -10.30 6.52 23.81
C ASP B 282 -9.63 6.59 22.44
N TYR B 283 -10.15 5.87 21.45
CA TYR B 283 -9.64 5.91 20.08
C TYR B 283 -9.35 7.32 19.62
N ILE B 284 -8.21 7.49 18.94
CA ILE B 284 -7.77 8.81 18.53
C ILE B 284 -8.73 9.51 17.58
N PHE B 285 -9.60 8.75 16.88
CA PHE B 285 -10.52 9.36 15.92
C PHE B 285 -11.98 9.22 16.34
N SER B 286 -12.29 8.93 17.61
CA SER B 286 -13.67 8.53 17.93
C SER B 286 -14.64 9.70 17.83
N MET B 287 -15.61 9.55 16.94
CA MET B 287 -16.71 10.51 16.79
C MET B 287 -17.92 10.10 17.64
N GLU B 288 -17.77 9.15 18.56
CA GLU B 288 -18.93 8.65 19.30
C GLU B 288 -19.36 9.62 20.39
N PRO B 289 -20.59 10.15 20.35
CA PRO B 289 -21.10 10.96 21.46
C PRO B 289 -21.17 10.10 22.71
N ASP B 290 -21.01 10.72 23.89
CA ASP B 290 -20.79 12.14 24.09
C ASP B 290 -19.32 12.45 24.38
N ASN B 291 -18.49 11.41 24.43
CA ASN B 291 -17.13 11.58 24.95
C ASN B 291 -16.01 11.22 23.98
N GLY B 292 -16.30 10.83 22.75
CA GLY B 292 -15.24 10.62 21.79
C GLY B 292 -14.45 11.89 21.57
N ILE B 293 -13.13 11.74 21.41
CA ILE B 293 -12.28 12.92 21.32
C ILE B 293 -12.55 13.71 20.05
N ALA B 294 -12.91 13.02 18.95
CA ALA B 294 -13.26 13.75 17.73
C ALA B 294 -14.67 14.35 17.87
N TYR B 295 -15.55 13.69 18.63
CA TYR B 295 -16.87 14.26 18.89
C TYR B 295 -16.73 15.58 19.63
N GLN B 296 -15.77 15.68 20.53
CA GLN B 296 -15.66 16.89 21.34
C GLN B 296 -14.82 17.96 20.67
N GLN B 297 -13.72 17.59 20.00
CA GLN B 297 -12.79 18.56 19.46
C GLN B 297 -12.83 18.74 17.95
N ILE B 298 -13.27 17.74 17.20
CA ILE B 298 -13.34 17.84 15.74
C ILE B 298 -14.73 18.26 15.27
N LEU B 299 -15.79 17.74 15.89
CA LEU B 299 -17.12 18.15 15.47
C LEU B 299 -17.28 19.66 15.40
N PRO B 300 -16.72 20.46 16.33
CA PRO B 300 -16.85 21.92 16.18
C PRO B 300 -16.28 22.48 14.89
N ILE B 301 -15.29 21.84 14.28
CA ILE B 301 -14.79 22.34 13.00
C ILE B 301 -15.50 21.69 11.82
N LEU B 302 -16.37 20.71 12.04
CA LEU B 302 -17.21 20.17 10.98
C LEU B 302 -18.55 20.89 10.90
N THR B 303 -19.02 21.39 12.03
CA THR B 303 -20.27 22.15 12.10
C THR B 303 -20.45 23.21 11.02
N PRO B 304 -19.42 23.94 10.56
CA PRO B 304 -19.64 24.93 9.49
C PRO B 304 -20.19 24.36 8.20
N TYR B 305 -20.08 23.05 7.97
CA TYR B 305 -20.53 22.47 6.71
C TYR B 305 -21.92 21.86 6.81
N LEU B 306 -22.47 21.78 8.02
CA LEU B 306 -23.71 21.05 8.29
C LEU B 306 -24.93 21.95 8.26
#